data_6VCK
#
_entry.id   6VCK
#
_cell.length_a   161.840
_cell.length_b   193.601
_cell.length_c   51.037
_cell.angle_alpha   90.000
_cell.angle_beta   90.000
_cell.angle_gamma   90.000
#
_symmetry.space_group_name_H-M   'C 2 2 21'
#
loop_
_entity.id
_entity.type
_entity.pdbx_description
1 polymer 'Diaminopimelate epimerase'
2 polymer 'RNA pyrophosphohydrolase'
3 non-polymer 'MAGNESIUM ION'
4 non-polymer "GUANOSINE-5'-DIPHOSPHATE"
5 non-polymer 'CHLORIDE ION'
6 non-polymer 'FLUORIDE ION'
7 water water
#
loop_
_entity_poly.entity_id
_entity_poly.type
_entity_poly.pdbx_seq_one_letter_code
_entity_poly.pdbx_strand_id
1 'polypeptide(L)'
;SMQFSKMHGLGNDFMVVDAVTQNVFFSPELIRRLADAHLGVGFDQLLVVEPPYDPELDFHYRIFNADGSEVAQCGNGARC
FARFVRLKGLTNKRDIRVSTANGRMVLTVTDDDLVRVNMGEPNFEPSAVPFRANKAEKTYIMRAAEQTILCGVVSMGNPH
CVIQVDDVDTAAVETLGPVLESHERFPERANIGFMQVVKREHIRLRVYERGAGETQACGSGACAAVAVGIQQGLLAEEVR
VELPGGRLDIAWKGPGHPLYMTGPAVHVADGFIHL
;
A
2 'polypeptide(L)'
;SMIDDDGYRPNVGIVICNRQGQVMWARRFGQHSWQFPQGGINPGESAEQAMYRELFEEVGLSRKDVRILASTRNWLRYKL
PKRLVRWDTKPVCIGQKQKWFLLQLVSGDAEINMQTSSTPEFDGWRWVSYWYPVRQVVSFKRDVYRRVMKEFASVVMSLA
A
;
B
#
# COMPACT_ATOMS: atom_id res chain seq x y z
N SER A 1 23.26 -4.11 -4.54
CA SER A 1 22.53 -3.28 -5.48
C SER A 1 21.03 -3.23 -5.17
N MET A 2 20.61 -2.18 -4.49
CA MET A 2 19.19 -1.99 -4.20
C MET A 2 18.52 -1.33 -5.40
N GLN A 3 17.45 -1.96 -5.88
CA GLN A 3 16.75 -1.44 -7.05
C GLN A 3 15.64 -0.49 -6.62
N PHE A 4 15.27 0.39 -7.55
CA PHE A 4 14.24 1.38 -7.31
C PHE A 4 13.63 1.78 -8.64
N SER A 5 12.63 2.66 -8.57
CA SER A 5 12.01 3.22 -9.76
C SER A 5 11.66 4.68 -9.50
N LYS A 6 11.78 5.49 -10.54
CA LYS A 6 11.30 6.86 -10.48
C LYS A 6 9.91 6.90 -11.08
N MET A 7 8.99 7.57 -10.38
CA MET A 7 7.61 7.68 -10.85
C MET A 7 7.13 9.11 -10.60
N HIS A 8 6.06 9.47 -11.29
CA HIS A 8 5.53 10.84 -11.25
C HIS A 8 4.03 10.78 -11.10
N GLY A 9 3.51 11.54 -10.13
CA GLY A 9 2.08 11.59 -9.87
C GLY A 9 1.69 12.84 -9.11
N LEU A 10 0.54 13.42 -9.46
CA LEU A 10 0.07 14.68 -8.88
C LEU A 10 1.14 15.77 -9.01
N GLY A 11 1.81 15.79 -10.16
CA GLY A 11 2.81 16.81 -10.41
C GLY A 11 4.09 16.71 -9.61
N ASN A 12 4.26 15.67 -8.79
CA ASN A 12 5.45 15.52 -7.95
C ASN A 12 6.14 14.19 -8.22
N ASP A 13 7.44 14.17 -7.96
CA ASP A 13 8.35 13.13 -8.42
C ASP A 13 8.65 12.18 -7.27
N PHE A 14 8.34 10.89 -7.45
CA PHE A 14 8.50 9.90 -6.41
C PHE A 14 9.63 8.94 -6.78
N MET A 15 10.52 8.70 -5.82
CA MET A 15 11.40 7.54 -5.86
C MET A 15 10.70 6.41 -5.12
N VAL A 16 10.47 5.31 -5.80
CA VAL A 16 9.70 4.19 -5.27
C VAL A 16 10.61 2.98 -5.13
N VAL A 17 10.65 2.39 -3.93
CA VAL A 17 11.52 1.26 -3.64
C VAL A 17 10.69 0.10 -3.11
N ASP A 18 10.82 -1.06 -3.76
CA ASP A 18 10.26 -2.31 -3.27
C ASP A 18 11.07 -2.78 -2.06
N ALA A 19 10.56 -2.50 -0.86
CA ALA A 19 11.15 -3.02 0.37
C ALA A 19 10.42 -4.26 0.88
N VAL A 20 9.74 -4.97 -0.01
CA VAL A 20 9.10 -6.23 0.34
C VAL A 20 10.01 -7.41 0.04
N THR A 21 10.52 -7.47 -1.19
CA THR A 21 11.46 -8.50 -1.58
C THR A 21 12.91 -8.06 -1.42
N GLN A 22 13.11 -6.92 -0.74
CA GLN A 22 14.47 -6.37 -0.51
C GLN A 22 14.65 -6.03 0.97
N ASN A 23 15.82 -6.31 1.53
CA ASN A 23 16.13 -6.04 2.93
C ASN A 23 16.83 -4.69 3.01
N VAL A 24 16.04 -3.63 3.16
CA VAL A 24 16.55 -2.27 3.27
C VAL A 24 15.91 -1.61 4.48
N PHE A 25 16.73 -0.96 5.29
CA PHE A 25 16.24 -0.12 6.38
C PHE A 25 16.55 1.33 6.08
N PHE A 26 15.52 2.18 6.10
CA PHE A 26 15.67 3.58 5.74
C PHE A 26 15.83 4.41 7.01
N SER A 27 17.06 4.47 7.50
CA SER A 27 17.41 5.43 8.52
C SER A 27 17.36 6.84 7.93
N PRO A 28 17.05 7.85 8.73
CA PRO A 28 17.01 9.22 8.20
C PRO A 28 18.33 9.66 7.58
N GLU A 29 19.46 9.10 8.04
CA GLU A 29 20.72 9.39 7.39
C GLU A 29 20.76 8.84 5.97
N LEU A 30 20.34 7.58 5.80
CA LEU A 30 20.28 7.00 4.47
C LEU A 30 19.33 7.77 3.56
N ILE A 31 18.19 8.19 4.09
CA ILE A 31 17.23 8.94 3.29
C ILE A 31 17.84 10.25 2.81
N ARG A 32 18.51 10.96 3.72
CA ARG A 32 19.17 12.21 3.35
C ARG A 32 20.19 11.99 2.24
N ARG A 33 20.94 10.89 2.32
CA ARG A 33 21.94 10.59 1.29
C ARG A 33 21.29 10.35 -0.05
N LEU A 34 20.22 9.55 -0.08
CA LEU A 34 19.55 9.25 -1.33
C LEU A 34 18.86 10.48 -1.91
N ALA A 35 18.46 11.43 -1.06
CA ALA A 35 17.85 12.66 -1.54
C ALA A 35 18.85 13.50 -2.33
N ASP A 36 20.15 13.35 -2.05
CA ASP A 36 21.16 14.09 -2.78
C ASP A 36 21.19 13.65 -4.24
N ALA A 37 21.07 14.63 -5.14
CA ALA A 37 21.01 14.31 -6.57
C ALA A 37 22.35 13.84 -7.12
N HIS A 38 23.46 14.20 -6.48
CA HIS A 38 24.78 13.82 -6.96
C HIS A 38 25.35 12.60 -6.26
N LEU A 39 25.26 12.55 -4.92
CA LEU A 39 25.74 11.36 -4.23
C LEU A 39 24.74 10.22 -4.30
N GLY A 40 23.45 10.52 -4.33
CA GLY A 40 22.44 9.48 -4.33
C GLY A 40 21.55 9.48 -5.57
N VAL A 41 20.25 9.61 -5.35
CA VAL A 41 19.27 9.47 -6.42
C VAL A 41 18.77 10.84 -6.85
N GLY A 42 18.12 11.55 -5.93
CA GLY A 42 17.49 12.80 -6.27
C GLY A 42 15.99 12.63 -6.44
N PHE A 43 15.24 12.97 -5.41
CA PHE A 43 13.79 12.86 -5.44
C PHE A 43 13.18 14.00 -4.65
N ASP A 44 11.90 14.24 -4.88
CA ASP A 44 11.15 15.14 -4.01
C ASP A 44 10.62 14.40 -2.79
N GLN A 45 10.08 13.20 -2.98
CA GLN A 45 9.62 12.34 -1.89
C GLN A 45 9.91 10.89 -2.22
N LEU A 46 10.20 10.12 -1.16
CA LEU A 46 10.56 8.71 -1.27
C LEU A 46 9.39 7.85 -0.81
N LEU A 47 8.98 6.89 -1.64
CA LEU A 47 7.86 6.00 -1.34
C LEU A 47 8.40 4.58 -1.16
N VAL A 48 8.18 4.01 0.02
CA VAL A 48 8.72 2.70 0.38
C VAL A 48 7.57 1.72 0.56
N VAL A 49 7.55 0.67 -0.27
CA VAL A 49 6.52 -0.35 -0.20
C VAL A 49 6.99 -1.45 0.76
N GLU A 50 6.21 -1.69 1.80
CA GLU A 50 6.55 -2.62 2.86
C GLU A 50 5.51 -3.73 2.97
N PRO A 51 5.86 -4.86 3.60
CA PRO A 51 4.84 -5.85 3.93
C PRO A 51 3.81 -5.26 4.87
N PRO A 52 2.59 -5.77 4.86
CA PRO A 52 1.54 -5.20 5.71
C PRO A 52 1.74 -5.55 7.17
N TYR A 53 1.20 -4.70 8.04
CA TYR A 53 1.17 -5.00 9.47
C TYR A 53 -0.05 -5.80 9.87
N ASP A 54 -1.10 -5.81 9.04
CA ASP A 54 -2.35 -6.47 9.32
C ASP A 54 -2.60 -7.55 8.28
N PRO A 55 -2.91 -8.78 8.70
CA PRO A 55 -3.01 -9.89 7.73
C PRO A 55 -4.13 -9.74 6.71
N GLU A 56 -5.06 -8.81 6.91
CA GLU A 56 -6.13 -8.60 5.96
C GLU A 56 -5.82 -7.50 4.95
N LEU A 57 -4.65 -6.86 5.04
CA LEU A 57 -4.21 -5.86 4.08
C LEU A 57 -3.08 -6.44 3.22
N ASP A 58 -2.88 -5.83 2.06
CA ASP A 58 -1.91 -6.34 1.10
C ASP A 58 -0.52 -5.73 1.30
N PHE A 59 -0.43 -4.43 1.54
CA PHE A 59 0.85 -3.78 1.76
C PHE A 59 0.71 -2.70 2.81
N HIS A 60 1.85 -2.15 3.20
CA HIS A 60 1.94 -0.88 3.91
C HIS A 60 3.02 -0.08 3.23
N TYR A 61 2.79 1.23 3.06
CA TYR A 61 3.83 2.05 2.45
C TYR A 61 3.99 3.34 3.23
N ARG A 62 5.23 3.85 3.22
CA ARG A 62 5.61 5.08 3.88
C ARG A 62 6.14 6.08 2.85
N ILE A 63 6.05 7.36 3.20
CA ILE A 63 6.60 8.43 2.38
C ILE A 63 7.50 9.28 3.27
N PHE A 64 8.75 9.48 2.82
CA PHE A 64 9.72 10.33 3.50
C PHE A 64 10.05 11.53 2.63
N ASN A 65 10.40 12.64 3.28
CA ASN A 65 10.85 13.82 2.58
C ASN A 65 12.38 13.80 2.46
N ALA A 66 12.93 14.81 1.79
CA ALA A 66 14.38 14.88 1.63
C ALA A 66 15.10 15.12 2.94
N ASP A 67 14.42 15.68 3.94
CA ASP A 67 15.01 15.86 5.26
C ASP A 67 15.11 14.55 6.03
N GLY A 68 14.54 13.47 5.52
CA GLY A 68 14.58 12.19 6.21
C GLY A 68 13.46 11.96 7.18
N SER A 69 12.39 12.74 7.11
CA SER A 69 11.26 12.62 8.01
C SER A 69 10.08 11.95 7.31
N GLU A 70 9.24 11.27 8.09
CA GLU A 70 8.07 10.62 7.54
C GLU A 70 6.96 11.65 7.31
N VAL A 71 6.34 11.59 6.13
CA VAL A 71 5.27 12.49 5.76
C VAL A 71 3.93 11.75 5.89
N ALA A 72 2.95 12.40 6.53
CA ALA A 72 1.63 11.80 6.76
C ALA A 72 0.57 12.75 6.22
N GLN A 73 0.41 12.75 4.90
CA GLN A 73 -0.63 13.53 4.23
C GLN A 73 -1.55 12.56 3.48
N CYS A 74 -2.85 12.70 3.72
CA CYS A 74 -3.82 11.70 3.30
C CYS A 74 -3.78 11.48 1.79
N GLY A 75 -3.73 10.21 1.38
CA GLY A 75 -3.77 9.84 -0.01
C GLY A 75 -2.51 10.12 -0.81
N ASN A 76 -1.47 10.64 -0.18
CA ASN A 76 -0.26 10.99 -0.91
C ASN A 76 0.39 9.74 -1.50
N GLY A 77 0.78 9.84 -2.78
CA GLY A 77 1.46 8.76 -3.47
C GLY A 77 0.63 7.53 -3.75
N ALA A 78 -0.67 7.55 -3.48
CA ALA A 78 -1.49 6.36 -3.63
C ALA A 78 -1.48 5.87 -5.08
N ARG A 79 -1.44 6.79 -6.05
CA ARG A 79 -1.50 6.39 -7.45
C ARG A 79 -0.25 5.64 -7.86
N CYS A 80 0.93 6.19 -7.53
CA CYS A 80 2.18 5.55 -7.93
C CYS A 80 2.38 4.22 -7.21
N PHE A 81 1.98 4.14 -5.94
CA PHE A 81 2.11 2.89 -5.20
C PHE A 81 1.32 1.77 -5.88
N ALA A 82 0.05 2.04 -6.18
CA ALA A 82 -0.82 1.00 -6.75
C ALA A 82 -0.28 0.51 -8.09
N ARG A 83 0.16 1.43 -8.95
CA ARG A 83 0.74 1.01 -10.22
C ARG A 83 2.06 0.28 -10.00
N PHE A 84 2.83 0.69 -9.00
CA PHE A 84 4.15 0.12 -8.79
C PHE A 84 4.06 -1.36 -8.39
N VAL A 85 3.20 -1.68 -7.41
CA VAL A 85 3.12 -3.06 -6.95
C VAL A 85 2.65 -3.97 -8.07
N ARG A 86 1.87 -3.44 -9.02
CA ARG A 86 1.46 -4.23 -10.17
C ARG A 86 2.57 -4.35 -11.20
N LEU A 87 3.26 -3.24 -11.49
CA LEU A 87 4.34 -3.27 -12.47
C LEU A 87 5.45 -4.23 -12.03
N LYS A 88 5.79 -4.22 -10.75
CA LYS A 88 6.84 -5.08 -10.22
C LYS A 88 6.35 -6.48 -9.90
N GLY A 89 5.11 -6.82 -10.25
CA GLY A 89 4.61 -8.16 -10.00
C GLY A 89 4.49 -8.54 -8.54
N LEU A 90 4.44 -7.56 -7.64
CA LEU A 90 4.21 -7.85 -6.23
C LEU A 90 2.78 -8.25 -5.95
N THR A 91 1.86 -7.91 -6.84
CA THR A 91 0.45 -8.31 -6.71
C THR A 91 -0.19 -8.22 -8.09
N ASN A 92 -1.27 -8.99 -8.26
CA ASN A 92 -2.06 -8.99 -9.49
C ASN A 92 -3.48 -8.52 -9.24
N LYS A 93 -3.81 -8.10 -8.03
CA LYS A 93 -5.13 -7.59 -7.75
C LYS A 93 -5.33 -6.23 -8.38
N ARG A 94 -6.60 -5.87 -8.59
CA ARG A 94 -6.95 -4.54 -9.05
C ARG A 94 -7.47 -3.65 -7.93
N ASP A 95 -7.98 -4.24 -6.84
CA ASP A 95 -8.40 -3.51 -5.65
C ASP A 95 -7.40 -3.81 -4.54
N ILE A 96 -6.46 -2.88 -4.35
CA ILE A 96 -5.35 -3.05 -3.40
C ILE A 96 -5.75 -2.49 -2.05
N ARG A 97 -5.64 -3.30 -1.00
CA ARG A 97 -5.87 -2.85 0.37
C ARG A 97 -4.51 -2.58 1.01
N VAL A 98 -4.34 -1.35 1.51
CA VAL A 98 -3.02 -0.90 1.95
C VAL A 98 -3.20 0.05 3.13
N SER A 99 -2.26 0.00 4.06
CA SER A 99 -2.21 0.92 5.18
C SER A 99 -1.12 1.96 4.96
N THR A 100 -1.33 3.14 5.54
CA THR A 100 -0.39 4.25 5.46
C THR A 100 -0.25 4.85 6.85
N ALA A 101 0.44 5.98 6.94
CA ALA A 101 0.55 6.69 8.20
C ALA A 101 -0.75 7.37 8.61
N ASN A 102 -1.73 7.45 7.72
CA ASN A 102 -3.01 8.10 7.99
C ASN A 102 -4.17 7.12 8.05
N GLY A 103 -3.90 5.81 8.10
CA GLY A 103 -4.94 4.80 8.12
C GLY A 103 -4.81 3.83 6.96
N ARG A 104 -5.95 3.29 6.54
CA ARG A 104 -5.99 2.30 5.48
C ARG A 104 -6.97 2.73 4.39
N MET A 105 -6.61 2.46 3.15
CA MET A 105 -7.46 2.73 2.00
C MET A 105 -7.60 1.47 1.14
N VAL A 106 -8.50 1.53 0.18
CA VAL A 106 -8.62 0.53 -0.87
C VAL A 106 -8.46 1.22 -2.20
N LEU A 107 -7.43 0.86 -2.95
CA LEU A 107 -7.15 1.47 -4.24
C LEU A 107 -7.56 0.52 -5.35
N THR A 108 -8.24 1.06 -6.36
CA THR A 108 -8.69 0.28 -7.50
C THR A 108 -7.96 0.76 -8.75
N VAL A 109 -7.35 -0.19 -9.47
CA VAL A 109 -6.67 0.10 -10.73
C VAL A 109 -7.64 -0.23 -11.85
N THR A 110 -8.11 0.79 -12.55
CA THR A 110 -8.92 0.58 -13.75
C THR A 110 -8.07 -0.12 -14.82
N ASP A 111 -8.75 -0.72 -15.80
CA ASP A 111 -8.02 -1.47 -16.81
C ASP A 111 -7.37 -0.59 -17.88
N ASP A 112 -7.62 0.72 -17.86
CA ASP A 112 -6.74 1.65 -18.56
C ASP A 112 -5.52 2.01 -17.72
N ASP A 113 -5.38 1.37 -16.56
CA ASP A 113 -4.20 1.45 -15.70
C ASP A 113 -4.04 2.81 -15.04
N LEU A 114 -5.15 3.37 -14.54
CA LEU A 114 -5.12 4.55 -13.68
C LEU A 114 -5.84 4.22 -12.38
N VAL A 115 -5.53 5.00 -11.33
CA VAL A 115 -5.80 4.63 -9.96
C VAL A 115 -7.01 5.41 -9.44
N ARG A 116 -7.96 4.69 -8.85
CA ARG A 116 -9.17 5.29 -8.29
C ARG A 116 -9.10 5.25 -6.76
N VAL A 117 -9.44 6.38 -6.13
CA VAL A 117 -9.40 6.52 -4.68
C VAL A 117 -10.75 6.98 -4.18
N ASN A 118 -11.25 6.33 -3.13
CA ASN A 118 -12.46 6.79 -2.46
C ASN A 118 -12.07 7.75 -1.34
N MET A 119 -12.55 8.99 -1.45
CA MET A 119 -12.17 10.03 -0.50
C MET A 119 -13.34 10.46 0.39
N GLY A 120 -14.39 9.65 0.48
CA GLY A 120 -15.47 9.90 1.42
C GLY A 120 -16.58 10.75 0.84
N GLU A 121 -17.59 10.97 1.67
CA GLU A 121 -18.72 11.82 1.29
C GLU A 121 -18.42 13.25 1.69
N PRO A 122 -18.39 14.20 0.74
CA PRO A 122 -18.16 15.59 1.11
C PRO A 122 -19.26 16.12 2.04
N ASN A 123 -18.88 17.09 2.86
CA ASN A 123 -19.77 17.64 3.87
C ASN A 123 -19.90 19.14 3.67
N PHE A 124 -21.14 19.62 3.57
CA PHE A 124 -21.42 21.03 3.37
C PHE A 124 -21.86 21.72 4.67
N GLU A 125 -21.98 20.97 5.75
CA GLU A 125 -22.25 21.54 7.07
C GLU A 125 -21.23 22.63 7.38
N PRO A 126 -21.67 23.88 7.58
CA PRO A 126 -20.70 24.95 7.89
C PRO A 126 -20.00 24.76 9.23
N SER A 127 -20.61 24.03 10.16
CA SER A 127 -19.97 23.79 11.45
C SER A 127 -18.77 22.86 11.33
N ALA A 128 -18.65 22.12 10.23
CA ALA A 128 -17.57 21.16 10.05
C ALA A 128 -16.48 21.64 9.12
N VAL A 129 -16.71 22.70 8.37
CA VAL A 129 -15.74 23.17 7.37
C VAL A 129 -14.48 23.67 8.06
N PRO A 130 -14.54 24.66 8.97
CA PRO A 130 -15.63 25.45 9.54
C PRO A 130 -15.93 26.72 8.73
N PHE A 131 -17.15 27.25 8.88
CA PHE A 131 -17.57 28.42 8.12
C PHE A 131 -18.52 29.25 8.97
N ARG A 132 -18.23 30.54 9.11
CA ARG A 132 -19.15 31.47 9.76
C ARG A 132 -20.38 31.60 8.88
N ALA A 133 -21.46 30.93 9.27
CA ALA A 133 -22.67 30.93 8.46
C ALA A 133 -23.84 30.48 9.32
N ASN A 134 -25.04 30.82 8.89
CA ASN A 134 -26.23 30.39 9.63
C ASN A 134 -26.55 28.92 9.36
N LYS A 135 -26.64 28.54 8.08
CA LYS A 135 -26.68 27.13 7.66
C LYS A 135 -26.40 27.04 6.16
N ALA A 136 -26.37 25.80 5.67
CA ALA A 136 -25.83 25.51 4.34
C ALA A 136 -26.72 26.05 3.22
N GLU A 137 -26.08 26.53 2.17
CA GLU A 137 -26.75 26.93 0.94
C GLU A 137 -25.87 26.55 -0.24
N LYS A 138 -26.48 26.36 -1.41
CA LYS A 138 -25.71 25.95 -2.57
C LYS A 138 -24.63 26.97 -2.92
N THR A 139 -24.91 28.26 -2.70
CA THR A 139 -23.89 29.29 -2.80
C THR A 139 -23.98 30.20 -1.57
N TYR A 140 -22.95 31.02 -1.42
CA TYR A 140 -22.89 32.02 -0.37
C TYR A 140 -22.39 33.33 -0.97
N ILE A 141 -22.61 34.41 -0.24
CA ILE A 141 -22.09 35.72 -0.61
C ILE A 141 -21.08 36.15 0.44
N MET A 142 -19.89 36.53 -0.02
CA MET A 142 -18.83 37.07 0.82
C MET A 142 -18.24 38.29 0.15
N ARG A 143 -17.99 39.33 0.93
CA ARG A 143 -17.48 40.60 0.40
C ARG A 143 -15.97 40.63 0.64
N ALA A 144 -15.22 40.18 -0.35
CA ALA A 144 -13.76 40.28 -0.29
C ALA A 144 -13.33 41.74 -0.41
N ALA A 145 -13.16 42.43 0.72
CA ALA A 145 -12.69 43.82 0.78
C ALA A 145 -13.62 44.68 -0.07
N GLU A 146 -13.14 45.34 -1.12
CA GLU A 146 -13.94 46.21 -1.97
C GLU A 146 -14.75 45.45 -3.01
N GLN A 147 -14.71 44.12 -3.01
CA GLN A 147 -15.24 43.32 -4.10
C GLN A 147 -16.21 42.27 -3.57
N THR A 148 -17.37 42.17 -4.20
CA THR A 148 -18.37 41.16 -3.87
C THR A 148 -18.14 39.93 -4.74
N ILE A 149 -18.52 38.77 -4.20
CA ILE A 149 -18.37 37.51 -4.93
C ILE A 149 -19.21 36.44 -4.25
N LEU A 150 -19.52 35.38 -4.99
CA LEU A 150 -20.38 34.28 -4.53
C LEU A 150 -19.66 32.94 -4.65
N CYS A 151 -19.85 32.11 -3.63
CA CYS A 151 -19.11 30.86 -3.53
C CYS A 151 -19.95 29.74 -2.94
N GLY A 152 -19.52 28.52 -3.22
CA GLY A 152 -19.85 27.38 -2.39
C GLY A 152 -18.69 27.03 -1.48
N VAL A 153 -19.01 26.39 -0.37
CA VAL A 153 -17.99 25.93 0.57
C VAL A 153 -18.32 24.50 0.98
N VAL A 154 -17.28 23.67 1.10
CA VAL A 154 -17.44 22.26 1.41
C VAL A 154 -16.20 21.80 2.18
N SER A 155 -16.37 20.77 2.99
CA SER A 155 -15.28 20.12 3.69
C SER A 155 -15.08 18.71 3.14
N MET A 156 -13.83 18.33 2.95
CA MET A 156 -13.45 16.97 2.58
C MET A 156 -12.40 16.45 3.54
N GLY A 157 -12.52 16.84 4.81
CA GLY A 157 -11.45 16.67 5.77
C GLY A 157 -10.78 18.00 6.02
N ASN A 158 -10.61 18.77 4.96
CA ASN A 158 -10.04 20.11 5.00
C ASN A 158 -11.04 21.11 4.42
N PRO A 159 -10.94 22.38 4.81
CA PRO A 159 -11.87 23.39 4.30
C PRO A 159 -11.57 23.81 2.87
N HIS A 160 -12.64 24.10 2.13
CA HIS A 160 -12.54 24.51 0.74
C HIS A 160 -13.62 25.53 0.40
N CYS A 161 -13.21 26.58 -0.30
CA CYS A 161 -14.12 27.59 -0.82
C CYS A 161 -13.90 27.71 -2.32
N VAL A 162 -14.98 27.77 -3.08
CA VAL A 162 -14.92 27.60 -4.53
C VAL A 162 -15.69 28.74 -5.22
N ILE A 163 -15.11 29.27 -6.30
CA ILE A 163 -15.72 30.36 -7.05
C ILE A 163 -15.61 30.05 -8.54
N GLN A 164 -16.67 30.37 -9.28
CA GLN A 164 -16.66 30.22 -10.73
C GLN A 164 -15.91 31.38 -11.37
N VAL A 165 -14.91 31.07 -12.18
CA VAL A 165 -14.18 32.04 -12.98
C VAL A 165 -14.36 31.65 -14.43
N ASP A 166 -14.44 32.63 -15.32
CA ASP A 166 -14.75 32.34 -16.71
C ASP A 166 -13.52 32.01 -17.55
N ASP A 167 -12.35 31.84 -16.91
CA ASP A 167 -11.13 31.29 -17.51
C ASP A 167 -10.03 31.36 -16.45
N VAL A 168 -9.15 30.36 -16.36
CA VAL A 168 -8.30 30.30 -15.17
C VAL A 168 -7.02 31.10 -15.33
N ASP A 169 -6.50 31.25 -16.54
CA ASP A 169 -5.46 32.26 -16.72
C ASP A 169 -6.04 33.68 -16.72
N THR A 170 -7.36 33.85 -16.69
CA THR A 170 -7.96 35.16 -16.42
C THR A 170 -8.24 35.33 -14.95
N ALA A 171 -7.35 34.91 -14.07
CA ALA A 171 -7.66 34.90 -12.66
C ALA A 171 -6.69 35.80 -11.92
N ALA A 172 -7.24 36.63 -11.04
CA ALA A 172 -6.46 37.41 -10.10
C ALA A 172 -6.10 36.59 -8.87
N VAL A 173 -5.63 35.36 -9.04
CA VAL A 173 -5.47 34.45 -7.91
C VAL A 173 -4.51 35.04 -6.88
N GLU A 174 -3.49 35.78 -7.34
CA GLU A 174 -2.47 36.25 -6.42
C GLU A 174 -2.95 37.40 -5.54
N THR A 175 -3.98 38.13 -5.96
CA THR A 175 -4.57 39.13 -5.08
C THR A 175 -5.81 38.60 -4.35
N LEU A 176 -6.72 37.93 -5.05
CA LEU A 176 -7.93 37.44 -4.37
C LEU A 176 -7.60 36.27 -3.45
N GLY A 177 -6.86 35.29 -3.95
CA GLY A 177 -6.50 34.09 -3.21
C GLY A 177 -6.17 34.30 -1.74
N PRO A 178 -5.15 35.12 -1.46
CA PRO A 178 -4.77 35.35 -0.06
C PRO A 178 -5.87 36.00 0.79
N VAL A 179 -6.73 36.83 0.20
CA VAL A 179 -7.72 37.55 0.99
C VAL A 179 -8.79 36.59 1.51
N LEU A 180 -9.20 35.62 0.68
CA LEU A 180 -10.19 34.65 1.12
C LEU A 180 -9.57 33.46 1.84
N GLU A 181 -8.30 33.16 1.56
CA GLU A 181 -7.57 32.17 2.34
C GLU A 181 -7.58 32.56 3.83
N SER A 182 -7.35 33.83 4.12
CA SER A 182 -7.30 34.33 5.49
C SER A 182 -8.53 35.16 5.83
N HIS A 183 -9.72 34.68 5.47
CA HIS A 183 -10.93 35.47 5.65
C HIS A 183 -11.57 35.20 7.00
N GLU A 184 -12.20 36.25 7.56
CA GLU A 184 -12.76 36.19 8.90
C GLU A 184 -13.66 34.97 9.10
N ARG A 185 -14.40 34.59 8.07
CA ARG A 185 -15.38 33.52 8.19
C ARG A 185 -14.76 32.13 8.02
N PHE A 186 -13.43 32.03 8.00
CA PHE A 186 -12.71 30.76 7.92
C PHE A 186 -11.77 30.70 9.13
N PRO A 187 -12.27 30.27 10.29
CA PRO A 187 -11.41 30.27 11.49
C PRO A 187 -10.20 29.36 11.37
N GLU A 188 -10.27 28.33 10.54
CA GLU A 188 -9.12 27.47 10.24
C GLU A 188 -8.65 27.66 8.81
N ARG A 189 -8.89 28.86 8.24
CA ARG A 189 -8.57 29.18 6.86
C ARG A 189 -9.26 28.23 5.88
N ALA A 190 -8.91 28.30 4.61
CA ALA A 190 -9.57 27.45 3.62
C ALA A 190 -8.78 27.45 2.32
N ASN A 191 -8.82 26.32 1.63
CA ASN A 191 -8.27 26.21 0.28
C ASN A 191 -9.28 26.80 -0.70
N ILE A 192 -8.89 27.86 -1.38
CA ILE A 192 -9.78 28.51 -2.34
C ILE A 192 -9.53 27.92 -3.72
N GLY A 193 -10.59 27.80 -4.51
CA GLY A 193 -10.49 27.20 -5.83
C GLY A 193 -11.19 28.05 -6.87
N PHE A 194 -10.52 28.22 -8.01
CA PHE A 194 -11.01 29.02 -9.13
C PHE A 194 -11.41 28.09 -10.27
N MET A 195 -12.71 28.03 -10.54
CA MET A 195 -13.33 26.97 -11.31
C MET A 195 -13.90 27.53 -12.60
N GLN A 196 -13.35 27.10 -13.75
CA GLN A 196 -13.77 27.59 -15.06
C GLN A 196 -14.50 26.48 -15.81
N VAL A 197 -15.84 26.54 -15.79
CA VAL A 197 -16.64 25.49 -16.40
C VAL A 197 -16.54 25.60 -17.92
N VAL A 198 -16.06 24.54 -18.55
CA VAL A 198 -16.03 24.45 -20.01
C VAL A 198 -17.22 23.65 -20.54
N LYS A 199 -17.55 22.53 -19.91
CA LYS A 199 -18.75 21.75 -20.19
C LYS A 199 -19.27 21.18 -18.88
N ARG A 200 -20.44 20.55 -18.93
CA ARG A 200 -21.04 19.89 -17.77
C ARG A 200 -20.23 18.69 -17.28
N GLU A 201 -19.16 18.31 -18.00
CA GLU A 201 -18.30 17.23 -17.56
C GLU A 201 -16.84 17.52 -17.89
N HIS A 202 -16.43 18.78 -17.81
CA HIS A 202 -15.07 19.21 -18.15
C HIS A 202 -14.81 20.52 -17.43
N ILE A 203 -13.70 20.59 -16.70
CA ILE A 203 -13.44 21.75 -15.86
C ILE A 203 -11.93 22.04 -15.79
N ARG A 204 -11.56 23.27 -16.09
CA ARG A 204 -10.23 23.79 -15.80
C ARG A 204 -10.27 24.47 -14.43
N LEU A 205 -9.15 24.39 -13.70
CA LEU A 205 -9.17 24.91 -12.34
C LEU A 205 -7.74 25.20 -11.89
N ARG A 206 -7.63 26.14 -10.94
CA ARG A 206 -6.38 26.47 -10.29
C ARG A 206 -6.66 26.70 -8.81
N VAL A 207 -5.77 26.22 -7.96
CA VAL A 207 -6.01 26.15 -6.52
C VAL A 207 -4.94 26.95 -5.78
N TYR A 208 -5.37 27.86 -4.91
CA TYR A 208 -4.49 28.54 -3.97
C TYR A 208 -4.68 27.82 -2.63
N GLU A 209 -3.75 26.92 -2.31
CA GLU A 209 -3.93 26.01 -1.18
C GLU A 209 -3.98 26.79 0.14
N ARG A 210 -4.25 26.05 1.22
CA ARG A 210 -4.58 26.68 2.49
C ARG A 210 -3.42 27.48 3.06
N GLY A 211 -2.21 26.95 2.99
CA GLY A 211 -1.08 27.66 3.54
C GLY A 211 0.08 27.84 2.58
N ALA A 212 0.10 27.01 1.53
CA ALA A 212 1.20 27.03 0.58
C ALA A 212 0.96 27.95 -0.60
N GLY A 213 -0.30 28.14 -1.00
CA GLY A 213 -0.58 28.91 -2.20
C GLY A 213 -0.89 27.98 -3.35
N GLU A 214 -0.52 28.35 -4.58
CA GLU A 214 -0.78 27.48 -5.73
C GLU A 214 0.33 26.45 -5.88
N THR A 215 -0.09 25.21 -6.11
CA THR A 215 0.81 24.08 -6.33
C THR A 215 0.40 23.40 -7.62
N GLN A 216 1.32 22.61 -8.18
CA GLN A 216 1.05 21.93 -9.45
C GLN A 216 -0.26 21.16 -9.42
N ALA A 217 -0.52 20.44 -8.33
CA ALA A 217 -1.74 19.65 -8.22
C ALA A 217 -2.15 19.57 -6.76
N CYS A 218 -3.42 19.90 -6.50
CA CYS A 218 -4.03 19.73 -5.18
C CYS A 218 -5.27 18.88 -5.38
N GLY A 219 -5.19 17.60 -5.02
CA GLY A 219 -6.33 16.71 -5.21
C GLY A 219 -7.51 17.09 -4.35
N SER A 220 -7.24 17.59 -3.14
CA SER A 220 -8.33 18.05 -2.30
C SER A 220 -9.19 19.09 -3.00
N GLY A 221 -8.58 20.05 -3.69
CA GLY A 221 -9.37 21.10 -4.33
C GLY A 221 -10.12 20.63 -5.56
N ALA A 222 -9.56 19.65 -6.28
CA ALA A 222 -10.22 19.12 -7.46
C ALA A 222 -11.54 18.45 -7.10
N CYS A 223 -11.55 17.65 -6.03
CA CYS A 223 -12.79 17.04 -5.59
C CYS A 223 -13.75 18.09 -5.02
N ALA A 224 -13.21 19.12 -4.37
CA ALA A 224 -14.06 20.12 -3.75
C ALA A 224 -14.85 20.92 -4.78
N ALA A 225 -14.17 21.39 -5.82
CA ALA A 225 -14.85 22.15 -6.87
C ALA A 225 -15.93 21.31 -7.54
N VAL A 226 -15.60 20.07 -7.89
CA VAL A 226 -16.59 19.19 -8.51
C VAL A 226 -17.70 18.84 -7.52
N ALA A 227 -17.38 18.75 -6.23
CA ALA A 227 -18.38 18.36 -5.24
C ALA A 227 -19.51 19.39 -5.14
N VAL A 228 -19.16 20.67 -5.25
CA VAL A 228 -20.17 21.72 -5.15
C VAL A 228 -20.80 22.02 -6.51
N GLY A 229 -20.01 22.01 -7.59
CA GLY A 229 -20.55 22.22 -8.91
C GLY A 229 -21.65 21.24 -9.29
N ILE A 230 -21.76 20.14 -8.54
CA ILE A 230 -22.92 19.26 -8.63
C ILE A 230 -23.98 19.63 -7.61
N GLN A 231 -23.56 19.87 -6.36
CA GLN A 231 -24.50 20.35 -5.34
C GLN A 231 -25.14 21.65 -5.77
N GLN A 232 -24.37 22.51 -6.45
CA GLN A 232 -24.95 23.70 -7.05
C GLN A 232 -25.77 23.39 -8.29
N GLY A 233 -25.53 22.24 -8.93
CA GLY A 233 -26.33 21.80 -10.05
C GLY A 233 -25.78 22.11 -11.43
N LEU A 234 -24.48 22.41 -11.55
CA LEU A 234 -23.90 22.86 -12.79
C LEU A 234 -23.02 21.81 -13.46
N LEU A 235 -22.98 20.60 -12.93
CA LEU A 235 -22.11 19.56 -13.47
C LEU A 235 -22.77 18.19 -13.31
N ALA A 236 -22.18 17.22 -14.00
CA ALA A 236 -22.75 15.88 -14.08
C ALA A 236 -22.09 14.95 -13.07
N GLU A 237 -22.53 13.70 -13.11
CA GLU A 237 -21.99 12.64 -12.26
C GLU A 237 -20.47 12.62 -12.28
N GLU A 238 -19.89 12.63 -13.48
CA GLU A 238 -18.45 12.49 -13.65
C GLU A 238 -17.91 13.75 -14.32
N VAL A 239 -16.73 14.19 -13.89
CA VAL A 239 -16.18 15.45 -14.38
C VAL A 239 -14.68 15.28 -14.60
N ARG A 240 -14.20 15.66 -15.79
CA ARG A 240 -12.78 15.76 -16.05
C ARG A 240 -12.24 17.09 -15.56
N VAL A 241 -11.11 17.03 -14.85
CA VAL A 241 -10.50 18.20 -14.21
C VAL A 241 -9.11 18.41 -14.79
N GLU A 242 -8.81 19.65 -15.20
CA GLU A 242 -7.52 19.98 -15.82
C GLU A 242 -6.82 21.05 -15.02
N LEU A 243 -5.77 20.67 -14.30
CA LEU A 243 -4.96 21.56 -13.48
C LEU A 243 -3.55 21.66 -14.06
N PRO A 244 -2.77 22.68 -13.65
CA PRO A 244 -1.39 22.79 -14.15
C PRO A 244 -0.58 21.50 -14.04
N GLY A 245 -0.86 20.67 -13.03
CA GLY A 245 -0.10 19.44 -12.85
C GLY A 245 -0.50 18.30 -13.75
N GLY A 246 -1.72 18.32 -14.27
CA GLY A 246 -2.21 17.25 -15.12
C GLY A 246 -3.72 17.17 -15.06
N ARG A 247 -4.24 15.99 -15.41
CA ARG A 247 -5.67 15.75 -15.50
C ARG A 247 -6.12 14.79 -14.40
N LEU A 248 -7.29 15.07 -13.82
CA LEU A 248 -7.95 14.18 -12.88
C LEU A 248 -9.39 13.97 -13.31
N ASP A 249 -9.90 12.77 -13.05
CA ASP A 249 -11.29 12.42 -13.33
C ASP A 249 -12.00 12.10 -12.03
N ILE A 250 -13.11 12.78 -11.78
CA ILE A 250 -13.78 12.74 -10.49
C ILE A 250 -15.19 12.19 -10.69
N ALA A 251 -15.68 11.46 -9.69
CA ALA A 251 -17.00 10.85 -9.75
C ALA A 251 -17.70 10.98 -8.42
N TRP A 252 -19.00 11.29 -8.45
CA TRP A 252 -19.82 11.39 -7.25
C TRP A 252 -21.30 11.37 -7.60
N LYS A 253 -22.08 10.56 -6.89
CA LYS A 253 -23.51 10.44 -7.16
C LYS A 253 -24.36 11.43 -6.38
N GLY A 254 -23.74 12.25 -5.51
CA GLY A 254 -24.49 13.16 -4.69
C GLY A 254 -24.51 12.73 -3.24
N PRO A 255 -25.19 13.50 -2.38
CA PRO A 255 -25.23 13.18 -0.95
C PRO A 255 -25.72 11.76 -0.70
N GLY A 256 -25.19 11.15 0.35
CA GLY A 256 -25.41 9.75 0.62
C GLY A 256 -24.46 8.81 -0.09
N HIS A 257 -23.62 9.33 -0.97
CA HIS A 257 -22.64 8.56 -1.70
C HIS A 257 -21.23 9.06 -1.43
N PRO A 258 -20.22 8.22 -1.57
CA PRO A 258 -18.84 8.69 -1.48
C PRO A 258 -18.32 9.21 -2.81
N LEU A 259 -17.36 10.13 -2.71
CA LEU A 259 -16.74 10.72 -3.89
C LEU A 259 -15.48 9.94 -4.25
N TYR A 260 -15.35 9.57 -5.52
CA TYR A 260 -14.18 8.89 -6.03
C TYR A 260 -13.37 9.84 -6.91
N MET A 261 -12.05 9.71 -6.85
CA MET A 261 -11.13 10.48 -7.68
C MET A 261 -10.17 9.52 -8.36
N THR A 262 -9.99 9.70 -9.67
CA THR A 262 -9.12 8.85 -10.47
C THR A 262 -8.04 9.70 -11.12
N GLY A 263 -6.80 9.24 -11.05
CA GLY A 263 -5.68 9.98 -11.59
C GLY A 263 -4.61 9.08 -12.17
N PRO A 264 -3.62 9.70 -12.82
CA PRO A 264 -2.56 8.93 -13.46
C PRO A 264 -1.34 8.73 -12.56
N ALA A 265 -0.50 7.78 -12.99
CA ALA A 265 0.81 7.57 -12.39
C ALA A 265 1.71 7.02 -13.48
N VAL A 266 2.79 7.73 -13.81
CA VAL A 266 3.64 7.38 -14.93
C VAL A 266 4.96 6.83 -14.39
N HIS A 267 5.37 5.69 -14.94
CA HIS A 267 6.60 5.00 -14.55
C HIS A 267 7.75 5.60 -15.37
N VAL A 268 8.56 6.43 -14.73
CA VAL A 268 9.58 7.20 -15.45
C VAL A 268 10.78 6.33 -15.79
N ALA A 269 11.46 5.79 -14.77
CA ALA A 269 12.68 5.06 -14.98
C ALA A 269 12.85 3.98 -13.92
N ASP A 270 13.86 3.13 -14.11
CA ASP A 270 14.28 2.13 -13.14
C ASP A 270 15.75 2.36 -12.80
N GLY A 271 16.17 1.88 -11.65
CA GLY A 271 17.48 2.24 -11.15
C GLY A 271 18.16 1.22 -10.27
N PHE A 272 19.48 1.26 -10.28
CA PHE A 272 20.32 0.57 -9.31
C PHE A 272 20.95 1.61 -8.39
N ILE A 273 21.38 1.16 -7.22
CA ILE A 273 22.32 1.93 -6.39
C ILE A 273 22.85 1.07 -5.24
N HIS A 274 24.18 1.11 -5.05
CA HIS A 274 24.83 0.36 -3.99
C HIS A 274 24.90 1.22 -2.72
N LEU A 275 24.45 0.66 -1.61
CA LEU A 275 24.43 1.37 -0.34
C LEU A 275 25.72 1.14 0.44
N SER B 1 23.19 -39.18 12.63
CA SER B 1 22.38 -37.98 12.43
C SER B 1 22.42 -37.63 10.96
N MET B 2 21.61 -36.64 10.54
CA MET B 2 21.63 -36.15 9.16
C MET B 2 22.20 -34.75 9.05
N ILE B 3 22.60 -34.14 10.17
CA ILE B 3 23.32 -32.87 10.13
C ILE B 3 24.62 -33.06 9.37
N ASP B 4 24.93 -32.08 8.51
CA ASP B 4 26.16 -32.13 7.74
C ASP B 4 27.32 -31.59 8.56
N ASP B 5 28.52 -31.61 7.98
CA ASP B 5 29.72 -31.23 8.72
C ASP B 5 29.71 -29.76 9.12
N ASP B 6 29.10 -28.90 8.30
CA ASP B 6 29.01 -27.49 8.66
C ASP B 6 28.06 -27.27 9.83
N GLY B 7 27.04 -28.12 9.97
CA GLY B 7 26.16 -28.07 11.12
C GLY B 7 24.71 -27.79 10.81
N TYR B 8 24.30 -28.04 9.57
CA TYR B 8 22.95 -27.72 9.11
C TYR B 8 22.12 -28.99 9.02
N ARG B 9 20.95 -28.96 9.67
CA ARG B 9 20.01 -30.09 9.57
C ARG B 9 19.17 -29.94 8.31
N PRO B 10 19.11 -30.96 7.45
CA PRO B 10 18.24 -30.87 6.27
C PRO B 10 16.78 -30.72 6.69
N ASN B 11 16.07 -29.86 5.97
CA ASN B 11 14.72 -29.47 6.37
C ASN B 11 13.87 -29.25 5.13
N VAL B 12 12.56 -29.17 5.33
CA VAL B 12 11.60 -28.91 4.26
C VAL B 12 10.57 -27.92 4.77
N GLY B 13 10.27 -26.89 3.98
CA GLY B 13 9.30 -25.88 4.35
C GLY B 13 8.11 -25.93 3.42
N ILE B 14 6.95 -25.49 3.93
CA ILE B 14 5.68 -25.63 3.22
C ILE B 14 4.97 -24.28 3.23
N VAL B 15 4.63 -23.78 2.04
CA VAL B 15 3.79 -22.60 1.88
C VAL B 15 2.49 -23.07 1.24
N ILE B 16 1.40 -23.06 2.01
CA ILE B 16 0.10 -23.53 1.56
C ILE B 16 -0.74 -22.32 1.19
N CYS B 17 -1.08 -22.20 -0.09
CA CYS B 17 -1.90 -21.10 -0.56
C CYS B 17 -3.26 -21.62 -1.02
N ASN B 18 -4.28 -20.77 -0.91
CA ASN B 18 -5.62 -21.15 -1.32
C ASN B 18 -5.95 -20.51 -2.68
N ARG B 19 -7.22 -20.57 -3.06
CA ARG B 19 -7.63 -20.04 -4.36
C ARG B 19 -7.54 -18.53 -4.41
N GLN B 20 -7.67 -17.85 -3.27
CA GLN B 20 -7.65 -16.40 -3.22
C GLN B 20 -6.25 -15.81 -3.09
N GLY B 21 -5.21 -16.64 -3.16
CA GLY B 21 -3.86 -16.12 -3.00
C GLY B 21 -3.46 -15.82 -1.58
N GLN B 22 -4.26 -16.23 -0.59
CA GLN B 22 -3.80 -16.18 0.79
C GLN B 22 -2.89 -17.37 1.08
N VAL B 23 -2.15 -17.29 2.18
CA VAL B 23 -1.27 -18.38 2.60
C VAL B 23 -1.58 -18.74 4.05
N MET B 24 -1.18 -19.95 4.43
CA MET B 24 -1.49 -20.50 5.74
C MET B 24 -0.45 -20.06 6.77
N TRP B 25 -0.93 -19.48 7.86
CA TRP B 25 -0.10 -19.02 8.97
C TRP B 25 -0.46 -19.85 10.19
N ALA B 26 0.49 -20.64 10.69
CA ALA B 26 0.25 -21.56 11.80
C ALA B 26 0.98 -21.10 13.06
N ARG B 27 0.29 -21.19 14.19
CA ARG B 27 0.86 -20.79 15.48
C ARG B 27 1.51 -21.98 16.17
N ARG B 28 2.70 -21.77 16.72
CA ARG B 28 3.42 -22.82 17.42
C ARG B 28 2.69 -23.23 18.68
N PHE B 29 2.82 -24.51 19.04
CA PHE B 29 2.08 -25.06 20.18
C PHE B 29 2.52 -24.38 21.48
N GLY B 30 1.54 -23.84 22.20
CA GLY B 30 1.83 -23.20 23.48
C GLY B 30 2.78 -22.05 23.36
N GLN B 31 2.71 -21.29 22.27
CA GLN B 31 3.59 -20.15 22.04
C GLN B 31 2.81 -19.05 21.34
N HIS B 32 3.45 -17.89 21.24
CA HIS B 32 2.87 -16.72 20.61
C HIS B 32 3.27 -16.55 19.15
N SER B 33 4.36 -17.19 18.73
CA SER B 33 4.94 -16.96 17.41
C SER B 33 4.27 -17.85 16.37
N TRP B 34 4.16 -17.32 15.16
CA TRP B 34 3.57 -18.00 14.02
C TRP B 34 4.63 -18.21 12.95
N GLN B 35 4.33 -19.11 12.00
CA GLN B 35 5.30 -19.48 10.97
C GLN B 35 4.63 -20.42 9.98
N PHE B 36 5.37 -20.71 8.90
CA PHE B 36 5.00 -21.73 7.94
C PHE B 36 5.39 -23.10 8.48
N PRO B 37 4.65 -24.15 8.12
CA PRO B 37 5.03 -25.50 8.55
C PRO B 37 6.36 -25.90 7.91
N GLN B 38 7.30 -26.32 8.77
CA GLN B 38 8.55 -26.89 8.30
C GLN B 38 8.89 -28.10 9.16
N GLY B 39 9.67 -29.00 8.58
CA GLY B 39 9.99 -30.25 9.26
C GLY B 39 11.32 -30.82 8.81
N GLY B 40 11.90 -31.63 9.68
CA GLY B 40 13.21 -32.20 9.39
C GLY B 40 13.13 -33.42 8.49
N ILE B 41 14.08 -33.49 7.55
CA ILE B 41 14.23 -34.69 6.74
C ILE B 41 14.61 -35.85 7.65
N ASN B 42 14.13 -37.04 7.32
CA ASN B 42 14.44 -38.25 8.05
C ASN B 42 15.39 -39.13 7.24
N PRO B 43 16.11 -40.05 7.88
CA PRO B 43 17.06 -40.90 7.15
C PRO B 43 16.38 -41.78 6.12
N GLY B 44 16.76 -41.59 4.85
CA GLY B 44 16.31 -42.44 3.78
C GLY B 44 15.18 -41.89 2.93
N GLU B 45 14.58 -40.77 3.35
CA GLU B 45 13.50 -40.18 2.58
C GLU B 45 13.98 -38.95 1.82
N SER B 46 13.40 -38.74 0.64
CA SER B 46 13.69 -37.57 -0.17
C SER B 46 12.98 -36.35 0.42
N ALA B 47 13.22 -35.19 -0.20
CA ALA B 47 12.58 -33.96 0.27
C ALA B 47 11.07 -34.01 0.10
N GLU B 48 10.61 -34.38 -1.11
CA GLU B 48 9.18 -34.48 -1.36
C GLU B 48 8.50 -35.43 -0.39
N GLN B 49 9.17 -36.56 -0.11
CA GLN B 49 8.62 -37.57 0.85
C GLN B 49 8.47 -36.91 2.22
N ALA B 50 9.52 -36.25 2.70
CA ALA B 50 9.50 -35.57 3.99
C ALA B 50 8.42 -34.50 4.01
N MET B 51 8.23 -33.80 2.89
CA MET B 51 7.20 -32.76 2.82
C MET B 51 5.81 -33.36 3.05
N TYR B 52 5.50 -34.46 2.38
CA TYR B 52 4.18 -35.05 2.51
C TYR B 52 3.95 -35.59 3.92
N ARG B 53 4.99 -36.15 4.52
CA ARG B 53 4.86 -36.67 5.88
C ARG B 53 4.59 -35.53 6.85
N GLU B 54 5.46 -34.51 6.84
CA GLU B 54 5.27 -33.36 7.74
C GLU B 54 3.95 -32.64 7.46
N LEU B 55 3.51 -32.62 6.20
CA LEU B 55 2.24 -31.98 5.88
C LEU B 55 1.08 -32.66 6.60
N PHE B 56 1.07 -33.99 6.59
CA PHE B 56 0.01 -34.70 7.29
C PHE B 56 0.23 -34.69 8.80
N GLU B 57 1.49 -34.77 9.23
CA GLU B 57 1.79 -34.84 10.66
C GLU B 57 1.34 -33.58 11.38
N GLU B 58 1.57 -32.41 10.78
CA GLU B 58 1.29 -31.17 11.47
CA GLU B 58 1.33 -31.13 11.43
C GLU B 58 0.07 -30.42 10.95
N VAL B 59 -0.26 -30.56 9.66
CA VAL B 59 -1.45 -29.91 9.12
C VAL B 59 -2.60 -30.89 8.88
N GLY B 60 -2.33 -32.18 8.82
CA GLY B 60 -3.40 -33.15 8.64
C GLY B 60 -3.93 -33.23 7.23
N LEU B 61 -3.12 -32.86 6.24
CA LEU B 61 -3.53 -32.88 4.84
C LEU B 61 -2.91 -34.08 4.14
N SER B 62 -3.69 -34.75 3.31
CA SER B 62 -3.21 -35.90 2.54
C SER B 62 -2.72 -35.46 1.17
N ARG B 63 -2.11 -36.40 0.45
CA ARG B 63 -1.63 -36.13 -0.91
C ARG B 63 -2.74 -35.62 -1.81
N LYS B 64 -3.97 -36.09 -1.62
CA LYS B 64 -5.09 -35.64 -2.41
C LYS B 64 -5.70 -34.34 -1.90
N ASP B 65 -5.23 -33.84 -0.75
CA ASP B 65 -5.70 -32.56 -0.24
C ASP B 65 -5.02 -31.38 -0.90
N VAL B 66 -3.84 -31.58 -1.48
CA VAL B 66 -3.03 -30.48 -2.00
C VAL B 66 -2.52 -30.85 -3.40
N ARG B 67 -2.03 -29.84 -4.10
CA ARG B 67 -1.34 -30.01 -5.38
C ARG B 67 -0.06 -29.20 -5.34
N ILE B 68 1.04 -29.80 -5.77
CA ILE B 68 2.34 -29.13 -5.74
C ILE B 68 2.41 -28.14 -6.91
N LEU B 69 2.60 -26.87 -6.59
CA LEU B 69 2.69 -25.82 -7.61
C LEU B 69 4.12 -25.49 -8.00
N ALA B 70 5.06 -25.52 -7.06
CA ALA B 70 6.45 -25.17 -7.33
C ALA B 70 7.31 -25.60 -6.15
N SER B 71 8.62 -25.45 -6.31
CA SER B 71 9.58 -25.72 -5.25
C SER B 71 10.90 -25.06 -5.61
N THR B 72 11.65 -24.67 -4.59
CA THR B 72 12.89 -23.93 -4.83
C THR B 72 13.97 -24.84 -5.39
N ARG B 73 14.88 -24.25 -6.17
CA ARG B 73 15.87 -25.02 -6.91
C ARG B 73 16.83 -25.75 -5.98
N ASN B 74 17.58 -25.00 -5.18
CA ASN B 74 18.49 -25.62 -4.22
C ASN B 74 18.22 -25.09 -2.82
N TRP B 75 19.07 -25.44 -1.86
CA TRP B 75 18.73 -25.25 -0.46
C TRP B 75 18.98 -23.82 0.00
N LEU B 76 18.17 -23.40 0.97
CA LEU B 76 18.29 -22.11 1.63
C LEU B 76 18.64 -22.37 3.09
N ARG B 77 19.55 -21.57 3.62
CA ARG B 77 20.07 -21.84 4.95
C ARG B 77 19.84 -20.65 5.88
N TYR B 78 19.70 -20.93 7.16
CA TYR B 78 19.60 -19.89 8.19
C TYR B 78 20.23 -20.42 9.47
N LYS B 79 21.03 -19.59 10.11
CA LYS B 79 21.70 -19.97 11.35
C LYS B 79 20.81 -19.66 12.55
N LEU B 80 20.78 -20.59 13.50
CA LEU B 80 20.01 -20.37 14.70
C LEU B 80 20.64 -19.27 15.53
N PRO B 81 19.87 -18.59 16.37
CA PRO B 81 20.47 -17.69 17.36
C PRO B 81 21.41 -18.51 18.21
N LYS B 82 22.66 -18.05 18.32
CA LYS B 82 23.63 -18.80 19.11
C LYS B 82 23.29 -18.79 20.59
N ARG B 83 22.20 -18.13 20.98
CA ARG B 83 21.61 -18.26 22.31
C ARG B 83 20.71 -19.49 22.46
N LEU B 84 20.38 -20.18 21.36
CA LEU B 84 19.56 -21.40 21.38
C LEU B 84 20.13 -22.48 20.47
N VAL B 85 21.46 -22.60 20.44
CA VAL B 85 22.14 -23.75 19.86
C VAL B 85 22.60 -24.59 21.05
N ARG B 86 21.97 -25.75 21.24
CA ARG B 86 22.31 -26.64 22.35
C ARG B 86 23.70 -27.25 22.20
N TRP B 87 24.74 -26.54 22.65
CA TRP B 87 26.11 -26.96 22.36
C TRP B 87 26.47 -28.32 22.95
N ASP B 88 25.75 -28.79 23.98
CA ASP B 88 26.14 -30.04 24.64
C ASP B 88 25.74 -31.29 23.86
N THR B 89 24.78 -31.19 22.93
CA THR B 89 24.29 -32.35 22.18
C THR B 89 25.01 -32.41 20.83
N LYS B 90 25.89 -33.38 20.68
CA LYS B 90 26.71 -33.60 19.49
C LYS B 90 26.05 -34.61 18.56
N PRO B 91 26.26 -34.48 17.22
CA PRO B 91 26.91 -33.34 16.56
C PRO B 91 25.95 -32.16 16.60
N VAL B 92 26.35 -30.99 17.11
CA VAL B 92 25.34 -29.97 17.39
C VAL B 92 25.01 -29.16 16.13
N CYS B 93 23.71 -28.96 15.92
CA CYS B 93 23.11 -28.22 14.79
C CYS B 93 23.23 -26.70 15.04
N ILE B 94 23.87 -25.96 14.12
CA ILE B 94 23.99 -24.52 14.23
C ILE B 94 22.92 -23.85 13.38
N GLY B 95 22.49 -24.54 12.33
CA GLY B 95 21.49 -24.00 11.44
C GLY B 95 20.61 -25.04 10.78
N GLN B 96 19.80 -24.62 9.81
CA GLN B 96 18.97 -25.54 9.04
C GLN B 96 19.11 -25.22 7.57
N LYS B 97 19.18 -26.28 6.75
CA LYS B 97 19.22 -26.15 5.29
C LYS B 97 17.90 -26.71 4.75
N GLN B 98 17.06 -25.83 4.23
CA GLN B 98 15.71 -26.19 3.83
C GLN B 98 15.52 -26.12 2.33
N LYS B 99 14.62 -26.97 1.83
CA LYS B 99 14.03 -26.83 0.50
C LYS B 99 12.55 -26.57 0.68
N TRP B 100 12.02 -25.60 -0.05
CA TRP B 100 10.68 -25.07 0.20
C TRP B 100 9.73 -25.51 -0.91
N PHE B 101 8.49 -25.82 -0.51
CA PHE B 101 7.45 -26.24 -1.44
C PHE B 101 6.26 -25.30 -1.35
N LEU B 102 5.71 -24.95 -2.51
CA LEU B 102 4.48 -24.17 -2.59
C LEU B 102 3.36 -25.11 -3.02
N LEU B 103 2.37 -25.29 -2.15
CA LEU B 103 1.22 -26.14 -2.44
C LEU B 103 -0.04 -25.29 -2.44
N GLN B 104 -1.02 -25.74 -3.23
CA GLN B 104 -2.36 -25.12 -3.32
C GLN B 104 -3.38 -26.11 -2.73
N LEU B 105 -4.13 -25.69 -1.71
CA LEU B 105 -5.10 -26.53 -1.02
C LEU B 105 -6.29 -26.75 -1.95
N VAL B 106 -6.41 -27.97 -2.49
CA VAL B 106 -7.52 -28.26 -3.40
C VAL B 106 -8.77 -28.75 -2.68
N SER B 107 -8.64 -29.21 -1.44
N SER B 107 -8.64 -29.21 -1.44
CA SER B 107 -9.81 -29.59 -0.66
CA SER B 107 -9.79 -29.60 -0.64
C SER B 107 -10.33 -28.38 0.13
C SER B 107 -10.34 -28.37 0.10
N GLY B 108 -11.41 -28.58 0.86
CA GLY B 108 -11.95 -27.51 1.66
C GLY B 108 -11.11 -27.24 2.89
N ASP B 109 -11.41 -26.12 3.55
CA ASP B 109 -10.68 -25.75 4.76
C ASP B 109 -10.88 -26.75 5.89
N ALA B 110 -11.97 -27.53 5.85
CA ALA B 110 -12.25 -28.48 6.92
C ALA B 110 -11.24 -29.61 6.97
N GLU B 111 -10.53 -29.89 5.88
CA GLU B 111 -9.58 -30.98 5.87
C GLU B 111 -8.31 -30.67 6.64
N ILE B 112 -8.13 -29.44 7.12
CA ILE B 112 -6.99 -29.12 7.96
C ILE B 112 -7.25 -29.61 9.37
N ASN B 113 -6.28 -30.32 9.94
CA ASN B 113 -6.37 -30.76 11.33
C ASN B 113 -4.96 -30.86 11.88
N MET B 114 -4.68 -30.08 12.93
CA MET B 114 -3.36 -30.07 13.53
C MET B 114 -3.25 -31.02 14.71
N GLN B 115 -4.22 -31.93 14.87
CA GLN B 115 -4.25 -32.90 15.96
C GLN B 115 -3.95 -34.32 15.49
N THR B 116 -3.56 -34.52 14.23
CA THR B 116 -3.17 -35.84 13.77
C THR B 116 -1.98 -36.39 14.55
N SER B 117 -1.33 -35.55 15.34
CA SER B 117 -0.10 -35.94 15.99
C SER B 117 -0.32 -36.12 17.48
N SER B 118 0.29 -37.16 18.01
CA SER B 118 0.50 -37.27 19.44
C SER B 118 1.05 -35.95 19.97
N THR B 119 1.95 -35.34 19.20
CA THR B 119 2.88 -34.33 19.67
C THR B 119 2.79 -33.12 18.74
N PRO B 120 1.66 -32.42 18.77
CA PRO B 120 1.42 -31.40 17.77
C PRO B 120 2.39 -30.26 17.95
N GLU B 121 2.81 -29.71 16.81
CA GLU B 121 3.66 -28.54 16.79
C GLU B 121 2.87 -27.25 16.63
N PHE B 122 1.62 -27.33 16.17
CA PHE B 122 0.79 -26.16 15.95
C PHE B 122 -0.58 -26.38 16.59
N ASP B 123 -1.12 -25.31 17.18
CA ASP B 123 -2.43 -25.34 17.80
C ASP B 123 -3.42 -24.39 17.16
N GLY B 124 -2.99 -23.61 16.17
CA GLY B 124 -3.88 -22.66 15.53
C GLY B 124 -3.36 -22.28 14.16
N TRP B 125 -4.28 -21.88 13.29
CA TRP B 125 -3.91 -21.46 11.95
C TRP B 125 -4.93 -20.46 11.44
N ARG B 126 -4.53 -19.72 10.40
CA ARG B 126 -5.40 -18.76 9.74
C ARG B 126 -4.83 -18.44 8.38
N TRP B 127 -5.68 -17.92 7.50
CA TRP B 127 -5.23 -17.37 6.24
C TRP B 127 -4.73 -15.95 6.45
N VAL B 128 -3.62 -15.62 5.79
CA VAL B 128 -3.05 -14.27 5.85
C VAL B 128 -2.68 -13.84 4.44
N SER B 129 -2.58 -12.53 4.26
CA SER B 129 -2.20 -12.00 2.95
C SER B 129 -0.80 -12.48 2.60
N TYR B 130 -0.52 -12.53 1.29
CA TYR B 130 0.64 -13.26 0.80
C TYR B 130 1.93 -12.74 1.43
N TRP B 131 2.11 -11.42 1.50
CA TRP B 131 3.36 -10.86 1.98
C TRP B 131 3.41 -10.69 3.49
N TYR B 132 2.29 -10.87 4.19
CA TYR B 132 2.26 -10.78 5.64
C TYR B 132 3.34 -11.61 6.34
N PRO B 133 3.61 -12.87 5.95
CA PRO B 133 4.64 -13.65 6.66
C PRO B 133 6.02 -13.03 6.64
N VAL B 134 6.38 -12.26 5.61
CA VAL B 134 7.74 -11.72 5.55
C VAL B 134 8.00 -10.75 6.68
N ARG B 135 7.01 -9.91 7.01
CA ARG B 135 7.18 -9.04 8.16
C ARG B 135 7.11 -9.82 9.47
N GLN B 136 6.16 -10.75 9.57
CA GLN B 136 5.75 -11.29 10.87
C GLN B 136 6.52 -12.54 11.28
N VAL B 137 7.46 -13.02 10.48
CA VAL B 137 8.25 -14.17 10.89
C VAL B 137 9.32 -13.73 11.88
N VAL B 138 9.84 -14.70 12.64
CA VAL B 138 10.94 -14.42 13.56
C VAL B 138 12.17 -14.02 12.75
N SER B 139 12.99 -13.14 13.35
CA SER B 139 13.97 -12.39 12.56
C SER B 139 14.99 -13.29 11.90
N PHE B 140 15.43 -14.36 12.57
CA PHE B 140 16.48 -15.17 11.97
C PHE B 140 15.98 -16.05 10.84
N LYS B 141 14.68 -16.03 10.54
CA LYS B 141 14.13 -16.70 9.36
C LYS B 141 13.75 -15.74 8.25
N ARG B 142 13.93 -14.43 8.44
CA ARG B 142 13.31 -13.46 7.56
C ARG B 142 13.94 -13.43 6.17
N ASP B 143 15.26 -13.61 6.09
CA ASP B 143 15.90 -13.55 4.77
C ASP B 143 15.52 -14.75 3.92
N VAL B 144 15.41 -15.93 4.54
CA VAL B 144 14.90 -17.10 3.82
C VAL B 144 13.47 -16.86 3.36
N TYR B 145 12.62 -16.38 4.27
CA TYR B 145 11.21 -16.16 3.96
C TYR B 145 11.05 -15.16 2.81
N ARG B 146 11.80 -14.07 2.85
CA ARG B 146 11.75 -13.09 1.77
C ARG B 146 12.12 -13.71 0.44
N ARG B 147 13.22 -14.48 0.40
CA ARG B 147 13.63 -15.13 -0.84
C ARG B 147 12.56 -16.10 -1.33
N VAL B 148 11.98 -16.88 -0.42
CA VAL B 148 10.98 -17.86 -0.81
C VAL B 148 9.75 -17.18 -1.39
N MET B 149 9.21 -16.19 -0.67
CA MET B 149 8.03 -15.49 -1.16
C MET B 149 8.33 -14.76 -2.46
N LYS B 150 9.57 -14.28 -2.64
CA LYS B 150 9.95 -13.68 -3.91
C LYS B 150 9.94 -14.71 -5.03
N GLU B 151 10.45 -15.92 -4.77
CA GLU B 151 10.51 -16.94 -5.81
C GLU B 151 9.13 -17.48 -6.14
N PHE B 152 8.25 -17.60 -5.14
CA PHE B 152 6.92 -18.18 -5.33
C PHE B 152 5.88 -17.19 -5.81
N ALA B 153 6.18 -15.89 -5.76
CA ALA B 153 5.14 -14.89 -5.97
C ALA B 153 4.54 -14.97 -7.37
N SER B 154 5.38 -15.24 -8.38
CA SER B 154 4.88 -15.28 -9.75
C SER B 154 3.83 -16.37 -9.93
N VAL B 155 4.03 -17.53 -9.31
CA VAL B 155 3.05 -18.60 -9.44
C VAL B 155 1.73 -18.18 -8.82
N VAL B 156 1.77 -17.69 -7.58
CA VAL B 156 0.54 -17.38 -6.86
C VAL B 156 -0.24 -16.27 -7.54
N MET B 157 0.45 -15.26 -8.08
CA MET B 157 -0.26 -14.16 -8.74
C MET B 157 -0.91 -14.61 -10.05
N SER B 158 -0.33 -15.59 -10.73
CA SER B 158 -0.85 -16.04 -12.02
C SER B 158 -2.11 -16.88 -11.90
N LEU B 159 -2.58 -17.14 -10.69
CA LEU B 159 -3.88 -17.79 -10.49
C LEU B 159 -4.95 -16.71 -10.30
N ALA B 160 -6.16 -17.12 -9.94
CA ALA B 160 -7.28 -16.19 -9.82
C ALA B 160 -7.03 -15.14 -8.74
#